data_6XJ0
#
_entry.id   6XJ0
#
_cell.length_a   127.370
_cell.length_b   127.370
_cell.length_c   75.270
_cell.angle_alpha   90.00
_cell.angle_beta   90.00
_cell.angle_gamma   120.00
#
_symmetry.space_group_name_H-M   'P 32 2 1'
#
loop_
_entity.id
_entity.type
_entity.pdbx_description
1 polymer 'Multicopper oxidase mco'
2 non-polymer 'CU-O-CU LINKAGE'
3 non-polymer 'COPPER (II) ION'
4 non-polymer 'CHLORIDE ION'
5 water water
#
_entity_poly.entity_id   1
_entity_poly.type   'polypeptide(L)'
_entity_poly.pdbx_seq_one_letter_code
;KNYTDYFFDEPAFDLHDGGYVPLEVSDAPEKPLNVPPLLKPDKETATDVYYTVTAEAGETQLLPGAKTKTWGYNTSLLGQ
TIVYRRGQHTHVTLKNTLPELTTFHWHGANVSGPYVDGGCHAPVYPGESKHIDFTLEQPATTLWLHAHPCPSTAEQVWHG
LAAMVIVKDDHEASLPLPRNYGVDDIPVILQDRRFHENNQWDYRADYDPDGVAGPTAMINGTINPYFDVTTQKVRLRFLN
GANRREWRLHFADDLPFTQIGGDGSLLPEPVKFTHLMLTCAERAEVIVDFGQYHEGDEVTLYTDDVPLLKFRIHAFKPDQ
TTLPDKLFDVKAPVVDPALPVRHVVMQGMDEGVAIDGKKFAMQRIDATQPIGKAQYWDVTNSNDAPGMVHPFHVHGTQFL
VLSRNGHAPYPNEHGFKDTIGVNPGETVRLLVRFDLPGVYMYHCHIIEHEDGGMMAQIETFDPAKPKQEYKLMDMDTLMM
ALAKERGVKPSEIWMGGMQSYEKMGMKM
;
_entity_poly.pdbx_strand_id   A
#
loop_
_chem_comp.id
_chem_comp.type
_chem_comp.name
_chem_comp.formula
C2O non-polymer 'CU-O-CU LINKAGE' 'Cu2 O'
CL non-polymer 'CHLORIDE ION' 'Cl -1'
CU non-polymer 'COPPER (II) ION' 'Cu 2'
#
# COMPACT_ATOMS: atom_id res chain seq x y z
N LYS A 1 17.54 -10.20 19.08
CA LYS A 1 16.69 -11.45 19.05
C LYS A 1 15.22 -11.05 18.97
N ASN A 2 14.77 -10.36 20.01
CA ASN A 2 13.38 -9.91 20.13
C ASN A 2 13.36 -8.38 20.13
N TYR A 3 12.66 -7.77 19.16
CA TYR A 3 12.75 -6.31 19.01
C TYR A 3 11.54 -5.65 19.62
N THR A 4 11.82 -4.85 20.64
CA THR A 4 10.81 -4.28 21.51
C THR A 4 10.56 -2.80 21.27
N ASP A 5 11.28 -2.25 20.30
CA ASP A 5 11.23 -0.83 19.96
C ASP A 5 11.01 -0.65 18.47
N TYR A 6 10.27 0.41 18.15
CA TYR A 6 9.96 0.74 16.78
C TYR A 6 11.27 1.23 16.22
N PHE A 7 11.50 0.96 14.93
CA PHE A 7 12.79 1.30 14.33
C PHE A 7 12.95 2.76 13.89
N PHE A 8 11.84 3.43 13.54
CA PHE A 8 11.94 4.74 12.91
C PHE A 8 12.26 5.73 14.01
N ASP A 9 12.59 6.96 13.66
CA ASP A 9 13.06 7.98 14.61
C ASP A 9 11.88 8.61 15.31
N GLU A 10 11.79 8.35 16.61
CA GLU A 10 10.59 8.68 17.38
C GLU A 10 10.20 10.15 17.31
N PRO A 11 11.17 11.10 17.30
CA PRO A 11 10.76 12.52 17.22
C PRO A 11 10.05 12.90 15.90
N ALA A 12 10.20 12.07 14.86
CA ALA A 12 9.58 12.35 13.56
C ALA A 12 8.19 11.74 13.44
N PHE A 13 7.77 10.95 14.43
CA PHE A 13 6.49 10.26 14.33
C PHE A 13 5.32 11.22 14.14
N ASP A 14 4.27 10.69 13.49
CA ASP A 14 3.04 11.45 13.18
C ASP A 14 2.43 12.07 14.41
N LEU A 15 2.54 11.35 15.52
CA LEU A 15 1.87 11.78 16.77
C LEU A 15 2.43 13.09 17.33
N HIS A 16 3.61 13.54 16.91
CA HIS A 16 4.13 14.88 17.28
C HIS A 16 3.68 16.03 16.40
N ASP A 17 2.95 15.72 15.33
CA ASP A 17 2.49 16.75 14.39
C ASP A 17 1.54 17.67 15.14
N GLY A 18 1.62 18.97 14.82
CA GLY A 18 0.74 19.97 15.41
C GLY A 18 -0.73 19.65 15.16
N GLY A 19 -1.05 19.28 13.92
CA GLY A 19 -2.42 18.87 13.53
C GLY A 19 -2.69 17.37 13.53
N TYR A 20 -2.00 16.63 14.41
CA TYR A 20 -2.23 15.19 14.60
C TYR A 20 -3.67 14.90 15.02
N VAL A 21 -4.26 13.85 14.48
CA VAL A 21 -5.60 13.41 14.90
C VAL A 21 -5.39 12.10 15.62
N PRO A 22 -5.51 12.08 16.97
CA PRO A 22 -5.42 10.77 17.62
C PRO A 22 -6.59 9.88 17.29
N LEU A 23 -6.37 8.59 17.42
CA LEU A 23 -7.45 7.65 17.28
C LEU A 23 -8.25 7.61 18.59
N GLU A 24 -9.55 7.47 18.43
CA GLU A 24 -10.49 7.36 19.53
C GLU A 24 -11.29 6.09 19.35
N VAL A 25 -11.46 5.34 20.45
CA VAL A 25 -12.23 4.08 20.44
C VAL A 25 -13.66 4.46 20.11
N SER A 26 -14.17 3.92 19.01
CA SER A 26 -15.55 4.14 18.59
C SER A 26 -16.50 3.52 19.61
N ASP A 27 -17.71 4.11 19.70
CA ASP A 27 -18.79 3.56 20.52
C ASP A 27 -19.41 2.31 19.84
N ALA A 28 -19.15 2.13 18.55
CA ALA A 28 -19.88 1.12 17.82
C ALA A 28 -19.67 -0.26 18.46
N PRO A 29 -20.69 -1.13 18.31
CA PRO A 29 -20.61 -2.44 18.91
C PRO A 29 -19.58 -3.30 18.19
N GLU A 30 -18.83 -4.07 18.98
CA GLU A 30 -17.80 -4.96 18.47
C GLU A 30 -18.44 -6.11 17.70
N LYS A 31 -17.72 -6.65 16.73
CA LYS A 31 -18.29 -7.59 15.80
C LYS A 31 -17.18 -8.36 15.07
N PRO A 32 -17.52 -9.51 14.45
CA PRO A 32 -16.50 -10.26 13.72
C PRO A 32 -15.76 -9.40 12.67
N LEU A 33 -14.43 -9.56 12.61
CA LEU A 33 -13.64 -8.93 11.58
C LEU A 33 -14.15 -9.39 10.23
N ASN A 34 -14.40 -8.47 9.31
N ASN A 34 -14.41 -8.46 9.30
CA ASN A 34 -14.73 -8.86 7.92
CA ASN A 34 -14.72 -8.85 7.91
C ASN A 34 -13.48 -9.41 7.25
C ASN A 34 -13.48 -9.41 7.25
N VAL A 35 -13.56 -10.64 6.76
CA VAL A 35 -12.50 -11.17 5.91
C VAL A 35 -13.00 -11.14 4.47
N PRO A 36 -12.39 -10.33 3.62
CA PRO A 36 -12.92 -10.28 2.24
C PRO A 36 -12.78 -11.62 1.56
N PRO A 37 -13.85 -12.07 0.87
CA PRO A 37 -13.73 -13.33 0.11
C PRO A 37 -12.66 -13.30 -0.97
N LEU A 38 -12.27 -14.49 -1.40
CA LEU A 38 -11.41 -14.66 -2.54
C LEU A 38 -12.21 -14.48 -3.81
N LEU A 39 -11.88 -13.43 -4.56
CA LEU A 39 -12.43 -13.25 -5.90
C LEU A 39 -12.45 -14.54 -6.71
N LYS A 40 -13.63 -14.98 -7.11
CA LYS A 40 -13.73 -16.20 -7.91
C LYS A 40 -13.22 -15.85 -9.28
N PRO A 41 -12.22 -16.57 -9.76
CA PRO A 41 -11.92 -16.41 -11.20
C PRO A 41 -13.15 -16.74 -12.12
N ASP A 42 -13.25 -16.00 -13.22
CA ASP A 42 -14.10 -16.39 -14.36
C ASP A 42 -13.70 -17.79 -14.83
N LYS A 43 -12.40 -18.06 -14.83
CA LYS A 43 -11.89 -19.29 -15.41
C LYS A 43 -10.44 -19.51 -14.97
N GLU A 44 -10.10 -20.78 -14.71
CA GLU A 44 -8.73 -21.12 -14.25
C GLU A 44 -8.25 -22.50 -14.69
N THR A 45 -7.03 -22.56 -15.24
CA THR A 45 -6.30 -23.81 -15.51
C THR A 45 -4.93 -23.68 -14.86
N ALA A 46 -4.12 -24.75 -14.92
CA ALA A 46 -2.77 -24.69 -14.40
C ALA A 46 -1.95 -23.51 -14.98
N THR A 47 -2.13 -23.21 -16.27
CA THR A 47 -1.38 -22.17 -16.98
C THR A 47 -2.00 -20.74 -17.03
N ASP A 48 -3.32 -20.62 -16.87
CA ASP A 48 -4.02 -19.36 -17.12
C ASP A 48 -5.06 -19.10 -16.08
N VAL A 49 -5.35 -17.82 -15.81
CA VAL A 49 -6.46 -17.43 -14.94
C VAL A 49 -7.10 -16.20 -15.53
N TYR A 50 -8.40 -16.09 -15.33
CA TYR A 50 -9.19 -14.99 -15.90
C TYR A 50 -10.01 -14.36 -14.81
N TYR A 51 -9.85 -13.07 -14.61
CA TYR A 51 -10.65 -12.36 -13.68
C TYR A 51 -11.26 -11.14 -14.33
N THR A 52 -12.33 -10.71 -13.68
CA THR A 52 -13.02 -9.48 -13.94
C THR A 52 -13.06 -8.69 -12.62
N VAL A 53 -12.54 -7.48 -12.66
CA VAL A 53 -12.34 -6.69 -11.48
C VAL A 53 -13.12 -5.44 -11.74
N THR A 54 -14.09 -5.15 -10.89
CA THR A 54 -15.16 -4.18 -11.15
C THR A 54 -15.27 -3.16 -10.07
N ALA A 55 -14.93 -1.94 -10.43
CA ALA A 55 -15.00 -0.82 -9.50
C ALA A 55 -16.45 -0.39 -9.47
N GLU A 56 -16.97 -0.14 -8.25
CA GLU A 56 -18.41 0.05 -8.06
C GLU A 56 -18.74 0.89 -6.82
N ALA A 57 -19.84 1.62 -6.95
CA ALA A 57 -20.36 2.47 -5.90
C ALA A 57 -21.51 1.73 -5.28
N GLY A 58 -21.67 1.92 -3.98
CA GLY A 58 -22.65 1.19 -3.20
C GLY A 58 -22.68 1.74 -1.79
N GLU A 59 -23.33 1.01 -0.88
CA GLU A 59 -23.39 1.39 0.54
C GLU A 59 -23.00 0.19 1.42
N THR A 60 -22.53 0.54 2.63
CA THR A 60 -21.91 -0.42 3.57
C THR A 60 -22.26 -0.04 5.02
N GLN A 61 -22.84 -0.95 5.81
CA GLN A 61 -23.14 -0.62 7.24
C GLN A 61 -21.83 -0.59 7.93
N LEU A 62 -21.44 0.57 8.44
CA LEU A 62 -20.19 0.66 9.22
C LEU A 62 -20.47 1.02 10.65
N LEU A 63 -21.45 1.89 10.86
CA LEU A 63 -21.82 2.35 12.19
C LEU A 63 -23.31 2.14 12.29
N PRO A 64 -23.83 2.05 13.54
CA PRO A 64 -25.28 2.04 13.75
C PRO A 64 -25.90 3.23 13.08
N GLY A 65 -26.94 2.99 12.29
CA GLY A 65 -27.68 4.07 11.66
C GLY A 65 -27.59 3.85 10.19
N ALA A 66 -27.41 4.92 9.43
CA ALA A 66 -27.38 4.83 7.96
C ALA A 66 -26.12 4.14 7.46
N LYS A 67 -26.25 3.48 6.30
CA LYS A 67 -25.10 2.99 5.57
C LYS A 67 -24.26 4.19 5.07
N THR A 68 -22.94 3.98 5.06
CA THR A 68 -21.97 4.91 4.58
C THR A 68 -21.85 4.64 3.10
N LYS A 69 -21.91 5.67 2.25
CA LYS A 69 -21.70 5.52 0.78
C LYS A 69 -20.22 5.24 0.50
N THR A 70 -19.95 4.16 -0.21
CA THR A 70 -18.60 3.63 -0.35
C THR A 70 -18.33 3.18 -1.78
N TRP A 71 -17.04 3.09 -2.14
CA TRP A 71 -16.63 2.47 -3.39
C TRP A 71 -15.80 1.23 -3.06
N GLY A 72 -15.78 0.27 -4.01
CA GLY A 72 -15.16 -1.01 -3.79
C GLY A 72 -14.92 -1.75 -5.08
N TYR A 73 -14.14 -2.84 -5.01
CA TYR A 73 -13.90 -3.71 -6.16
C TYR A 73 -14.69 -5.01 -5.99
N ASN A 74 -15.67 -5.28 -6.86
CA ASN A 74 -16.55 -6.47 -6.75
C ASN A 74 -17.32 -6.64 -5.43
N THR A 75 -17.40 -5.57 -4.65
CA THR A 75 -18.15 -5.47 -3.40
C THR A 75 -18.30 -3.98 -3.13
N SER A 76 -19.04 -3.59 -2.13
CA SER A 76 -19.34 -2.18 -1.96
C SER A 76 -18.19 -1.37 -1.34
N LEU A 77 -17.35 -2.04 -0.57
CA LEU A 77 -16.23 -1.40 0.10
C LEU A 77 -15.00 -2.28 0.02
N LEU A 78 -13.86 -1.64 -0.16
CA LEU A 78 -12.59 -2.32 -0.36
C LEU A 78 -12.67 -3.20 -1.55
N GLY A 79 -12.41 -4.48 -1.41
CA GLY A 79 -12.43 -5.36 -2.55
C GLY A 79 -12.25 -6.81 -2.12
N GLN A 80 -12.75 -7.70 -2.97
CA GLN A 80 -12.51 -9.13 -2.76
C GLN A 80 -11.00 -9.39 -3.04
N THR A 81 -10.40 -10.30 -2.31
CA THR A 81 -8.95 -10.56 -2.44
C THR A 81 -8.58 -11.32 -3.70
N ILE A 82 -7.66 -10.74 -4.45
CA ILE A 82 -7.27 -11.29 -5.74
C ILE A 82 -6.03 -12.12 -5.56
N VAL A 83 -6.05 -13.34 -6.12
CA VAL A 83 -4.89 -14.27 -6.03
C VAL A 83 -4.22 -14.48 -7.40
N TYR A 84 -2.92 -14.33 -7.43
CA TYR A 84 -2.14 -14.47 -8.62
C TYR A 84 -1.02 -15.39 -8.25
N ARG A 85 -0.37 -15.96 -9.23
CA ARG A 85 0.61 -17.03 -9.03
C ARG A 85 1.79 -16.82 -9.99
N ARG A 86 3.01 -16.87 -9.47
CA ARG A 86 4.16 -16.74 -10.27
C ARG A 86 4.09 -17.73 -11.44
N GLY A 87 4.39 -17.24 -12.63
CA GLY A 87 4.44 -18.05 -13.84
C GLY A 87 3.12 -18.24 -14.58
N GLN A 88 2.00 -17.83 -14.01
CA GLN A 88 0.71 -18.11 -14.60
C GLN A 88 0.31 -16.90 -15.42
N HIS A 89 -0.14 -17.17 -16.64
CA HIS A 89 -0.66 -16.16 -17.53
C HIS A 89 -1.97 -15.63 -16.97
N THR A 90 -2.07 -14.33 -16.79
CA THR A 90 -3.14 -13.73 -16.05
C THR A 90 -3.88 -12.76 -16.96
N HIS A 91 -5.21 -12.82 -17.01
CA HIS A 91 -6.01 -11.97 -17.90
C HIS A 91 -7.07 -11.31 -17.08
N VAL A 92 -7.06 -9.98 -17.05
CA VAL A 92 -7.90 -9.26 -16.16
C VAL A 92 -8.69 -8.30 -16.97
N THR A 93 -9.99 -8.33 -16.80
CA THR A 93 -10.87 -7.37 -17.40
C THR A 93 -11.18 -6.28 -16.36
N LEU A 94 -10.81 -5.06 -16.64
CA LEU A 94 -11.01 -3.97 -15.72
C LEU A 94 -12.32 -3.31 -16.13
N LYS A 95 -13.23 -3.07 -15.21
CA LYS A 95 -14.58 -2.61 -15.58
C LYS A 95 -14.93 -1.51 -14.64
N ASN A 96 -15.21 -0.34 -15.17
CA ASN A 96 -15.55 0.82 -14.34
C ASN A 96 -17.03 1.05 -14.39
N THR A 97 -17.71 0.76 -13.28
CA THR A 97 -19.13 1.13 -13.09
C THR A 97 -19.36 2.30 -12.11
N LEU A 98 -18.31 3.05 -11.82
CA LEU A 98 -18.43 4.22 -10.99
C LEU A 98 -18.91 5.36 -11.85
N PRO A 99 -19.39 6.44 -11.22
CA PRO A 99 -19.68 7.65 -12.00
C PRO A 99 -18.44 8.43 -12.51
N GLU A 100 -17.21 8.12 -12.05
CA GLU A 100 -16.02 8.84 -12.49
C GLU A 100 -14.97 7.89 -12.98
N LEU A 101 -13.99 8.47 -13.69
CA LEU A 101 -12.84 7.73 -14.21
C LEU A 101 -12.01 7.22 -13.02
N THR A 102 -11.27 6.18 -13.29
CA THR A 102 -10.39 5.60 -12.28
C THR A 102 -9.28 4.91 -12.99
N THR A 103 -8.42 4.32 -12.19
CA THR A 103 -7.19 3.73 -12.65
C THR A 103 -7.05 2.47 -11.81
N PHE A 104 -6.44 1.41 -12.32
CA PHE A 104 -6.29 0.17 -11.53
C PHE A 104 -4.82 -0.17 -11.31
N HIS A 105 -4.25 0.29 -10.19
CA HIS A 105 -2.82 0.18 -9.97
C HIS A 105 -2.50 -1.04 -9.14
N TRP A 106 -1.60 -1.87 -9.61
CA TRP A 106 -1.24 -3.11 -8.92
C TRP A 106 0.01 -2.87 -8.12
N HIS A 107 -0.18 -2.32 -6.92
CA HIS A 107 0.96 -1.82 -6.13
C HIS A 107 1.94 -2.98 -5.88
N GLY A 108 3.15 -2.86 -6.43
CA GLY A 108 4.23 -3.81 -6.23
C GLY A 108 4.33 -4.92 -7.26
N ALA A 109 3.39 -4.96 -8.21
CA ALA A 109 3.44 -5.95 -9.27
C ALA A 109 4.44 -5.51 -10.35
N ASN A 110 5.33 -6.39 -10.76
CA ASN A 110 6.29 -6.06 -11.78
C ASN A 110 5.66 -6.34 -13.18
N VAL A 111 4.87 -5.36 -13.61
CA VAL A 111 4.16 -5.35 -14.89
C VAL A 111 4.58 -4.19 -15.78
N SER A 112 4.25 -4.29 -17.06
CA SER A 112 4.63 -3.25 -18.01
C SER A 112 3.99 -1.94 -17.53
N GLY A 113 4.69 -0.84 -17.74
CA GLY A 113 4.09 0.51 -17.60
C GLY A 113 4.10 1.29 -18.91
N PRO A 114 3.29 2.36 -19.02
CA PRO A 114 2.42 2.88 -17.97
C PRO A 114 0.94 2.39 -17.97
N TYR A 115 0.56 1.44 -18.82
CA TYR A 115 -0.87 1.03 -18.91
C TYR A 115 -1.22 -0.13 -18.04
N VAL A 116 -0.45 -1.21 -18.06
CA VAL A 116 -0.79 -2.39 -17.21
C VAL A 116 -0.57 -2.06 -15.72
N ASP A 117 0.50 -1.30 -15.45
CA ASP A 117 0.83 -0.75 -14.14
C ASP A 117 -0.33 0.05 -13.55
N GLY A 118 -1.13 0.68 -14.42
CA GLY A 118 -2.38 1.30 -14.04
C GLY A 118 -2.15 2.50 -13.12
N GLY A 119 -1.18 3.35 -13.46
CA GLY A 119 -1.01 4.59 -12.75
C GLY A 119 -1.76 5.73 -13.42
N CYS A 120 -1.18 6.95 -13.31
CA CYS A 120 -1.77 8.21 -13.83
C CYS A 120 -2.22 8.15 -15.25
N HIS A 121 -1.53 7.37 -16.06
CA HIS A 121 -1.74 7.37 -17.48
C HIS A 121 -2.63 6.25 -17.99
N ALA A 122 -3.39 5.63 -17.09
CA ALA A 122 -4.18 4.45 -17.46
C ALA A 122 -5.62 4.64 -17.02
N PRO A 123 -6.25 5.74 -17.45
CA PRO A 123 -7.63 5.95 -17.10
C PRO A 123 -8.53 4.87 -17.71
N VAL A 124 -9.47 4.38 -16.91
CA VAL A 124 -10.64 3.63 -17.40
C VAL A 124 -11.83 4.52 -17.10
N TYR A 125 -12.59 4.82 -18.16
CA TYR A 125 -13.71 5.78 -18.10
C TYR A 125 -14.98 5.07 -17.65
N PRO A 126 -15.94 5.80 -17.05
CA PRO A 126 -17.22 5.15 -16.65
C PRO A 126 -17.87 4.37 -17.80
N GLY A 127 -18.21 3.10 -17.59
CA GLY A 127 -18.84 2.28 -18.65
C GLY A 127 -17.86 1.54 -19.52
N GLU A 128 -16.60 1.96 -19.50
CA GLU A 128 -15.58 1.24 -20.22
C GLU A 128 -15.10 -0.05 -19.54
N SER A 129 -14.55 -0.90 -20.37
CA SER A 129 -13.90 -2.13 -20.01
C SER A 129 -12.51 -2.06 -20.65
N LYS A 130 -11.48 -2.40 -19.89
CA LYS A 130 -10.14 -2.61 -20.48
C LYS A 130 -9.68 -4.03 -20.17
N HIS A 131 -8.98 -4.64 -21.12
CA HIS A 131 -8.46 -5.99 -20.99
C HIS A 131 -6.95 -5.83 -20.81
N ILE A 132 -6.38 -6.38 -19.72
CA ILE A 132 -4.90 -6.52 -19.56
C ILE A 132 -4.47 -7.98 -19.45
N ASP A 133 -3.24 -8.29 -19.86
CA ASP A 133 -2.71 -9.63 -19.72
C ASP A 133 -1.25 -9.50 -19.20
N PHE A 134 -0.91 -10.29 -18.19
CA PHE A 134 0.49 -10.33 -17.70
C PHE A 134 0.81 -11.68 -17.06
N THR A 135 2.10 -11.94 -16.92
CA THR A 135 2.59 -13.06 -16.14
C THR A 135 3.60 -12.56 -15.16
N LEU A 136 3.34 -12.75 -13.85
CA LEU A 136 4.26 -12.28 -12.82
C LEU A 136 5.44 -13.20 -12.63
N GLU A 137 6.60 -12.62 -12.59
CA GLU A 137 7.84 -13.37 -12.28
C GLU A 137 8.46 -12.67 -11.12
N GLN A 138 7.90 -12.93 -9.98
CA GLN A 138 8.38 -12.36 -8.76
C GLN A 138 7.92 -13.30 -7.66
N PRO A 139 8.63 -13.26 -6.51
CA PRO A 139 8.37 -14.21 -5.44
C PRO A 139 7.03 -13.99 -4.73
N ALA A 140 6.56 -15.03 -4.03
CA ALA A 140 5.32 -14.95 -3.25
C ALA A 140 5.38 -13.76 -2.33
N THR A 141 4.24 -13.09 -2.19
CA THR A 141 4.12 -11.91 -1.35
C THR A 141 2.66 -11.44 -1.29
N THR A 142 2.45 -10.37 -0.53
CA THR A 142 1.17 -9.63 -0.38
C THR A 142 1.35 -8.28 -1.04
N LEU A 143 0.60 -8.07 -2.11
CA LEU A 143 0.56 -6.83 -2.87
C LEU A 143 -0.80 -6.26 -2.61
N TRP A 144 -1.14 -5.14 -3.26
CA TRP A 144 -2.49 -4.63 -3.21
C TRP A 144 -2.87 -3.86 -4.44
N LEU A 145 -4.18 -3.78 -4.65
CA LEU A 145 -4.81 -3.00 -5.73
C LEU A 145 -5.34 -1.73 -5.12
N HIS A 146 -5.09 -0.60 -5.76
CA HIS A 146 -5.80 0.61 -5.43
C HIS A 146 -5.88 1.50 -6.62
N ALA A 147 -6.76 2.47 -6.50
CA ALA A 147 -6.96 3.47 -7.54
C ALA A 147 -5.80 4.50 -7.61
N HIS A 148 -5.44 4.91 -8.82
CA HIS A 148 -4.29 5.79 -8.99
C HIS A 148 -4.44 6.96 -9.99
N PRO A 149 -5.62 7.67 -10.04
CA PRO A 149 -5.63 8.82 -10.95
C PRO A 149 -4.74 9.96 -10.38
N CYS A 150 -4.13 10.76 -11.25
CA CYS A 150 -3.19 11.78 -10.77
C CYS A 150 -3.57 13.19 -11.13
N PRO A 151 -4.30 13.91 -10.27
CA PRO A 151 -4.89 13.46 -9.00
C PRO A 151 -6.34 12.94 -9.22
N SER A 152 -7.11 12.64 -8.16
CA SER A 152 -6.69 12.49 -6.77
C SER A 152 -6.82 11.02 -6.36
N THR A 153 -5.67 10.36 -6.19
CA THR A 153 -5.61 9.07 -5.62
C THR A 153 -6.19 9.07 -4.22
N ALA A 154 -5.98 10.11 -3.42
CA ALA A 154 -6.45 10.12 -2.02
C ALA A 154 -7.97 10.05 -1.89
N GLU A 155 -8.67 10.78 -2.75
CA GLU A 155 -10.12 10.76 -2.75
C GLU A 155 -10.66 9.36 -3.01
N GLN A 156 -10.04 8.66 -3.96
CA GLN A 156 -10.56 7.37 -4.40
C GLN A 156 -10.26 6.22 -3.47
N VAL A 157 -9.12 6.26 -2.77
CA VAL A 157 -8.80 5.34 -1.71
C VAL A 157 -9.72 5.60 -0.50
N TRP A 158 -9.93 6.87 -0.16
CA TRP A 158 -10.84 7.22 0.96
C TRP A 158 -12.29 6.72 0.77
N HIS A 159 -12.79 6.91 -0.45
CA HIS A 159 -14.05 6.31 -0.91
C HIS A 159 -14.09 4.78 -0.67
N GLY A 160 -12.94 4.13 -0.82
CA GLY A 160 -12.80 2.73 -0.43
C GLY A 160 -12.14 1.83 -1.45
N LEU A 161 -11.50 2.38 -2.48
CA LEU A 161 -10.87 1.53 -3.53
C LEU A 161 -9.47 1.03 -3.12
N ALA A 162 -9.46 -0.09 -2.40
CA ALA A 162 -8.24 -0.84 -2.10
C ALA A 162 -8.63 -2.30 -1.89
N ALA A 163 -7.75 -3.22 -2.27
CA ALA A 163 -8.00 -4.65 -2.11
C ALA A 163 -6.68 -5.38 -1.98
N MET A 164 -6.65 -6.47 -1.22
CA MET A 164 -5.43 -7.23 -1.06
C MET A 164 -5.21 -8.14 -2.26
N VAL A 165 -3.97 -8.25 -2.68
CA VAL A 165 -3.57 -9.12 -3.74
C VAL A 165 -2.60 -10.11 -3.13
N ILE A 166 -2.87 -11.40 -3.30
CA ILE A 166 -1.97 -12.40 -2.79
C ILE A 166 -1.24 -13.02 -3.96
N VAL A 167 0.10 -13.03 -3.90
CA VAL A 167 0.93 -13.69 -4.91
C VAL A 167 1.52 -15.01 -4.36
N LYS A 168 1.19 -16.14 -4.99
CA LYS A 168 1.67 -17.48 -4.59
C LYS A 168 2.85 -17.98 -5.48
N ASP A 169 3.80 -18.72 -4.90
CA ASP A 169 4.78 -19.45 -5.72
C ASP A 169 5.01 -20.82 -5.12
N ASP A 170 5.87 -21.61 -5.75
CA ASP A 170 6.11 -22.98 -5.30
C ASP A 170 6.94 -22.98 -4.03
N HIS A 171 7.98 -22.14 -3.96
CA HIS A 171 8.85 -22.13 -2.78
C HIS A 171 8.05 -21.81 -1.51
N GLU A 172 7.21 -20.76 -1.52
CA GLU A 172 6.40 -20.43 -0.33
C GLU A 172 5.43 -21.56 0.09
N ALA A 173 4.91 -22.31 -0.89
CA ALA A 173 4.03 -23.49 -0.61
C ALA A 173 4.73 -24.67 0.01
N SER A 174 6.06 -24.66 0.05
CA SER A 174 6.81 -25.69 0.68
C SER A 174 7.05 -25.37 2.13
N LEU A 175 6.67 -24.19 2.61
CA LEU A 175 7.10 -23.77 3.96
C LEU A 175 6.01 -24.09 4.96
N PRO A 176 6.36 -24.24 6.25
CA PRO A 176 5.39 -24.54 7.32
C PRO A 176 4.76 -23.29 7.95
N LEU A 177 3.90 -22.67 7.15
CA LEU A 177 3.25 -21.41 7.44
C LEU A 177 1.76 -21.64 7.43
N PRO A 178 1.00 -20.90 8.28
CA PRO A 178 -0.47 -20.88 8.14
C PRO A 178 -0.86 -20.33 6.79
N ARG A 179 -1.84 -20.95 6.16
CA ARG A 179 -2.23 -20.62 4.80
C ARG A 179 -3.69 -20.90 4.48
N ASN A 180 -4.51 -21.11 5.48
CA ASN A 180 -5.90 -21.43 5.24
C ASN A 180 -6.54 -20.07 5.33
N TYR A 181 -6.73 -19.49 4.16
CA TYR A 181 -7.25 -18.12 4.06
C TYR A 181 -8.63 -17.97 4.72
N GLY A 182 -8.70 -17.01 5.60
CA GLY A 182 -9.88 -16.74 6.38
C GLY A 182 -10.03 -17.47 7.70
N VAL A 183 -9.16 -18.45 7.97
CA VAL A 183 -9.23 -19.23 9.20
C VAL A 183 -7.99 -18.97 10.01
N ASP A 184 -6.83 -19.21 9.42
CA ASP A 184 -5.56 -18.94 10.12
C ASP A 184 -4.61 -18.02 9.37
N ASP A 185 -5.08 -17.46 8.24
CA ASP A 185 -4.28 -16.55 7.39
C ASP A 185 -5.24 -15.47 6.91
N ILE A 186 -5.03 -14.24 7.36
CA ILE A 186 -6.02 -13.20 7.22
C ILE A 186 -5.41 -11.86 6.92
N PRO A 187 -6.06 -11.09 6.06
CA PRO A 187 -5.62 -9.71 5.84
C PRO A 187 -5.95 -8.91 7.04
N VAL A 188 -5.03 -8.02 7.40
CA VAL A 188 -5.29 -6.98 8.37
C VAL A 188 -5.00 -5.65 7.67
N ILE A 189 -5.99 -5.20 6.90
CA ILE A 189 -5.89 -3.96 6.17
C ILE A 189 -6.20 -2.78 7.13
N LEU A 190 -5.17 -1.99 7.47
CA LEU A 190 -5.24 -0.95 8.47
C LEU A 190 -5.53 0.44 7.86
N GLN A 191 -6.59 1.08 8.32
CA GLN A 191 -7.10 2.31 7.72
C GLN A 191 -7.72 3.12 8.83
N ASP A 192 -7.88 4.42 8.57
CA ASP A 192 -8.70 5.27 9.42
C ASP A 192 -9.71 6.08 8.57
N ARG A 193 -10.71 6.61 9.24
CA ARG A 193 -11.81 7.39 8.60
C ARG A 193 -12.32 8.34 9.69
N ARG A 194 -13.00 9.39 9.27
CA ARG A 194 -13.76 10.29 10.15
C ARG A 194 -15.16 10.19 9.60
N PHE A 195 -16.09 9.86 10.48
CA PHE A 195 -17.50 9.77 10.07
C PHE A 195 -18.21 11.07 10.46
N HIS A 196 -19.08 11.53 9.57
CA HIS A 196 -19.77 12.81 9.74
C HIS A 196 -21.28 12.52 9.93
N GLU A 197 -22.15 13.52 9.73
CA GLU A 197 -23.60 13.30 9.76
C GLU A 197 -24.06 12.14 8.86
N ASN A 198 -24.96 11.33 9.46
CA ASN A 198 -25.55 10.11 8.86
C ASN A 198 -24.48 9.07 8.52
N ASN A 199 -23.40 9.04 9.29
CA ASN A 199 -22.28 8.13 9.04
C ASN A 199 -21.63 8.22 7.62
N GLN A 200 -21.61 9.41 7.03
CA GLN A 200 -20.97 9.58 5.72
C GLN A 200 -19.52 10.02 5.88
N TRP A 201 -18.73 9.76 4.84
CA TRP A 201 -17.42 10.34 4.69
C TRP A 201 -17.53 11.65 3.88
N ASP A 202 -16.60 12.55 4.14
CA ASP A 202 -16.51 13.82 3.44
C ASP A 202 -15.01 14.18 3.33
N TYR A 203 -14.36 13.63 2.31
CA TYR A 203 -12.91 13.80 2.14
C TYR A 203 -12.54 15.32 2.08
N ARG A 204 -13.32 16.03 1.28
CA ARG A 204 -13.14 17.46 1.16
C ARG A 204 -13.20 18.23 2.51
N ALA A 205 -14.17 17.89 3.37
CA ALA A 205 -14.31 18.59 4.64
C ALA A 205 -13.09 18.35 5.52
N ASP A 206 -12.52 17.15 5.40
CA ASP A 206 -11.35 16.73 6.18
C ASP A 206 -10.00 16.93 5.51
N TYR A 207 -9.98 17.44 4.28
CA TYR A 207 -8.75 17.67 3.58
C TYR A 207 -7.68 18.40 4.39
N ASP A 208 -6.46 17.88 4.29
CA ASP A 208 -5.30 18.47 4.91
C ASP A 208 -4.16 18.09 4.01
N PRO A 209 -3.49 19.06 3.39
CA PRO A 209 -2.43 18.74 2.43
C PRO A 209 -1.26 17.93 2.99
N ASP A 210 -1.10 17.90 4.31
CA ASP A 210 -0.06 17.12 4.98
C ASP A 210 -0.45 15.67 5.30
N GLY A 211 -1.68 15.27 4.96
CA GLY A 211 -2.16 13.93 5.25
C GLY A 211 -3.50 13.96 5.94
N VAL A 212 -4.43 13.10 5.47
CA VAL A 212 -5.75 12.98 6.08
C VAL A 212 -5.75 11.78 6.99
N ALA A 213 -6.05 12.03 8.26
CA ALA A 213 -6.28 10.98 9.24
C ALA A 213 -7.56 11.32 9.99
N GLY A 214 -8.50 10.37 10.04
CA GLY A 214 -9.63 10.42 10.99
C GLY A 214 -9.39 9.69 12.32
N PRO A 215 -10.28 9.92 13.31
CA PRO A 215 -10.18 9.32 14.65
C PRO A 215 -10.65 7.84 14.76
N THR A 216 -11.21 7.29 13.71
CA THR A 216 -11.86 5.98 13.84
C THR A 216 -11.12 4.91 13.01
N ALA A 217 -10.44 4.00 13.68
CA ALA A 217 -9.76 2.90 12.99
C ALA A 217 -10.79 2.01 12.28
N MET A 218 -10.37 1.46 11.16
CA MET A 218 -11.23 0.65 10.30
C MET A 218 -10.34 -0.42 9.71
N ILE A 219 -10.57 -1.67 10.12
CA ILE A 219 -9.72 -2.80 9.79
C ILE A 219 -10.57 -3.65 8.88
N ASN A 220 -10.11 -3.86 7.62
CA ASN A 220 -10.84 -4.63 6.63
C ASN A 220 -12.28 -4.18 6.52
N GLY A 221 -12.51 -2.87 6.57
CA GLY A 221 -13.89 -2.35 6.48
C GLY A 221 -14.75 -2.63 7.70
N THR A 222 -14.13 -2.75 8.87
CA THR A 222 -14.86 -3.13 10.06
C THR A 222 -14.54 -2.21 11.20
N ILE A 223 -15.54 -1.87 12.00
CA ILE A 223 -15.35 -1.01 13.18
C ILE A 223 -15.46 -1.81 14.46
N ASN A 224 -14.42 -1.70 15.29
CA ASN A 224 -14.24 -2.54 16.47
C ASN A 224 -14.33 -4.05 16.20
N PRO A 225 -13.45 -4.56 15.35
CA PRO A 225 -13.55 -5.94 15.04
C PRO A 225 -12.92 -6.82 16.08
N TYR A 226 -13.32 -8.09 16.04
CA TYR A 226 -12.67 -9.15 16.80
C TYR A 226 -12.53 -10.38 15.87
N PHE A 227 -11.51 -11.19 16.14
CA PHE A 227 -11.22 -12.37 15.36
C PHE A 227 -11.32 -13.61 16.22
N ASP A 228 -12.09 -14.60 15.77
CA ASP A 228 -12.18 -15.90 16.46
C ASP A 228 -11.00 -16.78 16.04
N VAL A 229 -10.08 -16.99 16.97
CA VAL A 229 -8.90 -17.88 16.75
C VAL A 229 -9.26 -19.37 16.98
N THR A 230 -9.08 -20.22 15.98
CA THR A 230 -9.37 -21.62 16.10
C THR A 230 -8.11 -22.43 15.78
N THR A 231 -6.92 -21.82 15.93
CA THR A 231 -5.62 -22.47 15.58
C THR A 231 -4.58 -21.88 16.46
N GLN A 232 -3.49 -22.57 16.71
CA GLN A 232 -2.52 -22.06 17.66
C GLN A 232 -1.75 -20.90 17.04
N LYS A 233 -1.54 -20.97 15.73
CA LYS A 233 -0.75 -20.00 15.02
C LYS A 233 -1.66 -19.30 14.04
N VAL A 234 -1.55 -17.97 13.98
CA VAL A 234 -2.24 -17.19 13.00
C VAL A 234 -1.25 -16.30 12.24
N ARG A 235 -1.45 -16.25 10.92
CA ARG A 235 -0.72 -15.41 9.98
C ARG A 235 -1.51 -14.14 9.68
N LEU A 236 -0.92 -12.99 10.02
CA LEU A 236 -1.56 -11.72 9.81
C LEU A 236 -0.84 -11.05 8.65
N ARG A 237 -1.60 -10.68 7.64
CA ARG A 237 -1.03 -9.93 6.55
C ARG A 237 -1.31 -8.46 6.73
N PHE A 238 -0.40 -7.73 7.34
CA PHE A 238 -0.60 -6.32 7.65
C PHE A 238 -0.36 -5.50 6.42
N LEU A 239 -1.28 -4.55 6.21
CA LEU A 239 -1.22 -3.60 5.13
C LEU A 239 -1.61 -2.28 5.71
N ASN A 240 -0.76 -1.28 5.53
CA ASN A 240 -1.11 0.06 5.93
C ASN A 240 -1.74 0.71 4.74
N GLY A 241 -3.06 0.82 4.79
CA GLY A 241 -3.80 1.43 3.71
C GLY A 241 -4.35 2.80 4.10
N ALA A 242 -3.82 3.38 5.19
CA ALA A 242 -4.27 4.71 5.59
C ALA A 242 -3.69 5.72 4.64
N ASN A 243 -4.39 6.85 4.51
CA ASN A 243 -3.85 8.01 3.77
C ASN A 243 -2.60 8.61 4.42
N ARG A 244 -2.48 8.61 5.75
CA ARG A 244 -1.25 9.09 6.37
C ARG A 244 -0.77 8.39 7.63
N ARG A 245 -1.68 7.81 8.39
CA ARG A 245 -1.37 7.33 9.71
C ARG A 245 -0.24 6.30 9.73
N GLU A 246 0.65 6.45 10.72
CA GLU A 246 1.61 5.42 11.13
C GLU A 246 0.98 4.50 12.13
N TRP A 247 1.12 3.18 11.94
CA TRP A 247 0.61 2.16 12.87
C TRP A 247 1.77 1.63 13.68
N ARG A 248 1.62 1.69 14.99
CA ARG A 248 2.64 1.24 15.90
C ARG A 248 2.10 0.04 16.71
N LEU A 249 2.30 -1.14 16.14
CA LEU A 249 1.53 -2.35 16.49
C LEU A 249 2.18 -3.14 17.58
N HIS A 250 1.39 -3.49 18.59
CA HIS A 250 1.87 -4.38 19.60
C HIS A 250 0.69 -4.91 20.40
N PHE A 251 0.85 -6.09 21.02
CA PHE A 251 -0.23 -6.76 21.78
C PHE A 251 -0.15 -6.48 23.29
N ALA A 252 -1.31 -6.56 23.94
CA ALA A 252 -1.41 -6.82 25.39
C ALA A 252 -0.45 -7.96 25.83
N ASP A 253 0.17 -7.79 26.98
CA ASP A 253 1.11 -8.77 27.50
C ASP A 253 2.41 -8.79 26.73
N ASP A 254 2.62 -7.86 25.79
CA ASP A 254 3.75 -7.95 24.85
C ASP A 254 3.91 -9.34 24.20
N LEU A 255 2.79 -9.94 23.84
CA LEU A 255 2.79 -11.19 23.09
C LEU A 255 3.69 -11.03 21.84
N PRO A 256 4.74 -11.85 21.71
CA PRO A 256 5.58 -11.71 20.51
C PRO A 256 4.90 -12.21 19.24
N PHE A 257 5.47 -11.79 18.10
CA PHE A 257 5.06 -12.27 16.77
C PHE A 257 6.31 -12.17 15.88
N THR A 258 6.31 -12.94 14.80
CA THR A 258 7.51 -13.16 14.07
C THR A 258 7.22 -12.79 12.64
N GLN A 259 7.91 -11.77 12.13
CA GLN A 259 7.73 -11.37 10.77
C GLN A 259 8.46 -12.35 9.83
N ILE A 260 7.68 -12.78 8.82
CA ILE A 260 8.14 -13.70 7.79
C ILE A 260 8.16 -13.11 6.40
N GLY A 261 7.43 -12.00 6.19
CA GLY A 261 7.31 -11.36 4.86
C GLY A 261 7.27 -9.85 4.87
N GLY A 262 7.81 -9.25 3.83
CA GLY A 262 7.81 -7.79 3.67
C GLY A 262 7.03 -7.47 2.40
N ASP A 263 7.21 -6.28 1.83
CA ASP A 263 6.42 -5.89 0.66
C ASP A 263 6.54 -6.86 -0.50
N GLY A 264 7.77 -7.27 -0.81
CA GLY A 264 8.06 -7.90 -2.08
C GLY A 264 8.55 -9.30 -2.03
N SER A 265 8.73 -9.86 -0.84
CA SER A 265 9.20 -11.20 -0.69
C SER A 265 9.10 -11.62 0.75
N LEU A 266 9.25 -12.91 0.96
CA LEU A 266 9.57 -13.43 2.27
C LEU A 266 10.85 -12.72 2.73
N LEU A 267 11.00 -12.60 4.03
CA LEU A 267 12.26 -12.11 4.54
C LEU A 267 13.21 -13.26 4.50
N PRO A 268 14.51 -12.98 4.42
CA PRO A 268 15.42 -14.11 4.28
C PRO A 268 15.42 -15.05 5.51
N GLU A 269 15.13 -14.46 6.68
CA GLU A 269 15.09 -15.13 8.01
C GLU A 269 13.97 -14.54 8.84
N PRO A 270 13.27 -15.37 9.62
CA PRO A 270 12.30 -14.79 10.54
C PRO A 270 12.91 -13.79 11.53
N VAL A 271 12.13 -12.76 11.85
CA VAL A 271 12.52 -11.73 12.80
C VAL A 271 11.45 -11.58 13.89
N LYS A 272 11.87 -11.66 15.14
CA LYS A 272 10.94 -11.67 16.27
C LYS A 272 10.74 -10.24 16.74
N PHE A 273 9.46 -9.88 16.92
CA PHE A 273 9.03 -8.61 17.42
C PHE A 273 8.10 -8.78 18.58
N THR A 274 8.05 -7.68 19.30
CA THR A 274 6.99 -7.31 20.19
C THR A 274 6.31 -5.96 19.79
N HIS A 275 7.04 -5.10 19.07
CA HIS A 275 6.58 -3.77 18.69
C HIS A 275 7.05 -3.55 17.27
N LEU A 276 6.11 -3.24 16.35
CA LEU A 276 6.37 -3.13 14.90
C LEU A 276 5.69 -1.90 14.37
N MET A 277 6.43 -1.07 13.65
CA MET A 277 5.88 0.13 13.05
C MET A 277 5.80 0.02 11.53
N LEU A 278 4.68 0.48 10.99
CA LEU A 278 4.48 0.50 9.54
C LEU A 278 4.03 1.88 9.02
N THR A 279 4.67 2.36 7.95
CA THR A 279 4.28 3.61 7.29
C THR A 279 3.48 3.23 6.06
N CYS A 280 2.92 4.22 5.37
CA CYS A 280 1.92 3.99 4.35
C CYS A 280 2.39 3.09 3.25
N ALA A 281 1.52 2.14 2.92
CA ALA A 281 1.72 1.20 1.84
C ALA A 281 2.67 0.07 2.19
N GLU A 282 3.36 0.10 3.32
CA GLU A 282 4.18 -1.04 3.70
C GLU A 282 3.29 -2.27 4.02
N ARG A 283 3.85 -3.46 3.78
CA ARG A 283 3.23 -4.70 4.21
C ARG A 283 4.17 -5.42 5.12
N ALA A 284 3.59 -6.08 6.12
CA ALA A 284 4.31 -7.00 6.92
C ALA A 284 3.45 -8.22 7.19
N GLU A 285 3.95 -9.40 6.84
CA GLU A 285 3.29 -10.67 7.21
C GLU A 285 3.91 -11.27 8.48
N VAL A 286 3.08 -11.44 9.50
CA VAL A 286 3.61 -11.99 10.78
C VAL A 286 2.89 -13.26 11.22
N ILE A 287 3.64 -14.15 11.89
CA ILE A 287 3.02 -15.30 12.60
C ILE A 287 2.90 -15.03 14.13
N VAL A 288 1.68 -15.11 14.64
CA VAL A 288 1.38 -14.96 16.09
C VAL A 288 1.07 -16.36 16.65
N ASP A 289 1.70 -16.71 17.75
CA ASP A 289 1.50 -18.01 18.37
C ASP A 289 0.66 -17.79 19.61
N PHE A 290 -0.52 -18.39 19.65
CA PHE A 290 -1.43 -18.23 20.81
C PHE A 290 -1.38 -19.39 21.81
N GLY A 291 -0.33 -20.23 21.76
CA GLY A 291 -0.18 -21.39 22.64
C GLY A 291 -0.20 -21.16 24.16
N GLN A 292 0.19 -19.95 24.63
CA GLN A 292 0.22 -19.67 26.07
C GLN A 292 -1.12 -19.13 26.60
N TYR A 293 -2.23 -19.37 25.87
CA TYR A 293 -3.54 -18.88 26.25
C TYR A 293 -4.56 -20.00 26.39
N HIS A 294 -5.49 -19.81 27.32
CA HIS A 294 -6.55 -20.76 27.59
C HIS A 294 -7.69 -20.44 26.70
N GLU A 295 -8.46 -21.45 26.33
CA GLU A 295 -9.79 -21.23 25.75
C GLU A 295 -10.58 -20.23 26.64
N GLY A 296 -11.39 -19.40 25.99
CA GLY A 296 -12.09 -18.30 26.65
C GLY A 296 -11.31 -17.00 26.79
N ASP A 297 -9.98 -17.02 26.68
CA ASP A 297 -9.20 -15.78 26.76
C ASP A 297 -9.44 -14.82 25.58
N GLU A 298 -8.92 -13.60 25.72
CA GLU A 298 -9.07 -12.51 24.76
C GLU A 298 -7.76 -11.71 24.75
N VAL A 299 -7.17 -11.51 23.56
CA VAL A 299 -5.91 -10.76 23.42
C VAL A 299 -6.10 -9.61 22.45
N THR A 300 -5.58 -8.45 22.82
CA THR A 300 -5.88 -7.25 22.07
C THR A 300 -4.64 -6.72 21.37
N LEU A 301 -4.80 -6.55 20.06
CA LEU A 301 -3.89 -5.82 19.26
C LEU A 301 -4.11 -4.30 19.37
N TYR A 302 -3.06 -3.60 19.80
CA TYR A 302 -3.04 -2.16 19.92
C TYR A 302 -2.19 -1.51 18.84
N THR A 303 -2.48 -0.24 18.58
CA THR A 303 -1.56 0.72 17.97
C THR A 303 -1.43 1.90 18.93
N ASP A 304 -0.23 2.17 19.40
CA ASP A 304 0.04 3.15 20.49
C ASP A 304 -0.79 2.74 21.72
N ASP A 305 -1.50 3.66 22.38
CA ASP A 305 -2.40 3.27 23.49
C ASP A 305 -3.81 2.81 23.05
N VAL A 306 -4.12 2.77 21.75
CA VAL A 306 -5.52 2.45 21.28
C VAL A 306 -5.81 0.99 20.80
N PRO A 307 -6.78 0.29 21.42
CA PRO A 307 -7.08 -1.09 20.96
C PRO A 307 -7.70 -1.15 19.57
N LEU A 308 -7.20 -2.05 18.74
CA LEU A 308 -7.57 -2.11 17.31
C LEU A 308 -8.45 -3.32 17.00
N LEU A 309 -7.95 -4.48 17.38
CA LEU A 309 -8.47 -5.75 16.93
C LEU A 309 -8.38 -6.73 18.08
N LYS A 310 -9.48 -7.36 18.46
CA LYS A 310 -9.44 -8.35 19.55
C LYS A 310 -9.36 -9.81 19.05
N PHE A 311 -8.47 -10.60 19.66
CA PHE A 311 -8.37 -12.02 19.36
C PHE A 311 -9.05 -12.85 20.46
N ARG A 312 -10.17 -13.47 20.10
CA ARG A 312 -10.87 -14.40 20.97
C ARG A 312 -10.34 -15.80 20.79
N ILE A 313 -9.85 -16.39 21.85
CA ILE A 313 -9.24 -17.72 21.81
C ILE A 313 -10.26 -18.84 22.05
N HIS A 314 -10.45 -19.70 21.06
CA HIS A 314 -11.21 -20.92 21.22
C HIS A 314 -10.27 -22.12 21.28
N ALA A 315 -10.87 -23.31 21.38
CA ALA A 315 -10.13 -24.57 21.32
C ALA A 315 -9.38 -24.66 20.02
N PHE A 316 -8.13 -25.11 20.11
CA PHE A 316 -7.27 -25.30 18.95
C PHE A 316 -6.40 -26.55 19.13
N LYS A 317 -6.19 -27.25 18.02
CA LYS A 317 -5.30 -28.42 17.92
C LYS A 317 -3.87 -27.94 18.19
N PRO A 318 -3.07 -28.59 19.09
CA PRO A 318 -1.72 -28.07 19.29
C PRO A 318 -0.81 -28.19 18.04
N ASP A 319 0.13 -27.23 17.89
CA ASP A 319 0.99 -27.09 16.71
C ASP A 319 2.48 -27.07 17.09
N GLN A 320 3.17 -28.11 16.62
CA GLN A 320 4.58 -28.37 16.97
C GLN A 320 5.47 -27.41 16.24
N THR A 321 5.44 -27.56 14.91
CA THR A 321 6.03 -26.69 13.86
C THR A 321 6.89 -25.53 14.34
N THR A 322 8.11 -25.48 13.87
CA THR A 322 8.87 -24.25 13.97
C THR A 322 9.28 -23.85 12.56
N LEU A 323 9.56 -22.55 12.47
CA LEU A 323 9.97 -21.94 11.23
C LEU A 323 11.40 -22.31 11.03
N PRO A 324 11.79 -22.56 9.77
CA PRO A 324 13.20 -22.77 9.45
C PRO A 324 14.02 -21.50 9.68
N ASP A 325 15.32 -21.66 9.81
CA ASP A 325 16.20 -20.53 10.03
C ASP A 325 16.27 -19.66 8.76
N LYS A 326 16.13 -20.27 7.57
CA LYS A 326 16.18 -19.56 6.29
C LYS A 326 14.87 -19.76 5.51
N LEU A 327 14.12 -18.67 5.35
CA LEU A 327 12.83 -18.67 4.63
C LEU A 327 12.98 -18.45 3.12
N PHE A 328 14.10 -17.88 2.70
CA PHE A 328 14.14 -17.27 1.38
C PHE A 328 15.54 -16.84 1.04
N ASP A 329 15.93 -17.12 -0.20
CA ASP A 329 17.28 -16.84 -0.67
C ASP A 329 17.25 -15.58 -1.52
N VAL A 330 17.82 -14.49 -1.01
CA VAL A 330 17.84 -13.18 -1.72
C VAL A 330 19.01 -13.16 -2.67
N LYS A 331 18.74 -13.18 -3.96
CA LYS A 331 19.78 -13.04 -4.98
C LYS A 331 19.76 -11.58 -5.45
N ALA A 332 20.79 -10.83 -5.10
CA ALA A 332 20.84 -9.40 -5.39
C ALA A 332 21.39 -9.15 -6.80
N PRO A 333 20.63 -8.40 -7.66
CA PRO A 333 21.16 -8.10 -8.97
C PRO A 333 22.44 -7.30 -8.87
N VAL A 334 23.07 -7.20 -10.01
CA VAL A 334 24.42 -6.78 -10.08
C VAL A 334 24.41 -5.35 -10.67
N VAL A 335 25.07 -4.42 -9.97
CA VAL A 335 25.24 -3.05 -10.45
C VAL A 335 26.41 -2.91 -11.39
N ASP A 336 26.17 -2.34 -12.58
CA ASP A 336 27.24 -1.95 -13.50
C ASP A 336 27.99 -0.72 -12.90
N PRO A 337 29.32 -0.82 -12.69
CA PRO A 337 30.05 0.27 -12.07
C PRO A 337 30.08 1.61 -12.83
N ALA A 338 29.79 1.57 -14.14
CA ALA A 338 29.71 2.78 -15.00
C ALA A 338 28.42 3.64 -14.87
N LEU A 339 27.41 3.16 -14.16
CA LEU A 339 26.25 3.97 -13.85
C LEU A 339 26.52 4.94 -12.71
N PRO A 340 25.85 6.12 -12.72
CA PRO A 340 25.94 6.94 -11.52
C PRO A 340 25.17 6.36 -10.39
N VAL A 341 25.42 6.91 -9.22
CA VAL A 341 24.50 6.75 -8.11
C VAL A 341 23.46 7.83 -8.38
N ARG A 342 22.21 7.41 -8.57
CA ARG A 342 21.06 8.32 -8.72
C ARG A 342 20.81 8.88 -7.36
N HIS A 343 20.58 10.18 -7.30
CA HIS A 343 20.25 10.81 -6.02
C HIS A 343 18.87 11.48 -6.09
N VAL A 344 17.96 11.12 -5.20
CA VAL A 344 16.54 11.57 -5.24
C VAL A 344 16.18 12.20 -3.92
N VAL A 345 15.73 13.45 -3.93
CA VAL A 345 15.56 14.22 -2.70
C VAL A 345 14.10 14.61 -2.52
N MET A 346 13.49 14.07 -1.47
CA MET A 346 12.18 14.47 -1.02
C MET A 346 12.30 15.69 -0.12
N GLN A 347 11.54 16.73 -0.43
CA GLN A 347 11.60 18.00 0.30
C GLN A 347 10.20 18.43 0.66
N GLY A 348 10.11 19.19 1.75
CA GLY A 348 8.87 19.89 2.09
C GLY A 348 7.93 19.09 2.96
N MET A 349 6.90 19.81 3.41
CA MET A 349 5.75 19.28 4.18
C MET A 349 4.56 20.12 3.79
N ASP A 350 3.37 19.74 4.21
CA ASP A 350 2.16 20.47 3.80
C ASP A 350 2.10 20.71 2.27
N GLU A 351 1.85 21.95 1.84
CA GLU A 351 1.66 22.27 0.45
C GLU A 351 3.00 22.33 -0.32
N GLY A 352 4.10 22.40 0.41
CA GLY A 352 5.45 22.57 -0.20
C GLY A 352 6.14 21.33 -0.68
N VAL A 353 5.53 20.17 -0.49
CA VAL A 353 6.10 18.93 -0.87
C VAL A 353 6.46 18.91 -2.37
N ALA A 354 7.59 18.23 -2.64
CA ALA A 354 8.21 18.18 -3.93
C ALA A 354 9.32 17.12 -3.90
N ILE A 355 9.86 16.85 -5.10
CA ILE A 355 10.99 15.95 -5.24
C ILE A 355 11.99 16.60 -6.18
N ASP A 356 13.24 16.69 -5.74
CA ASP A 356 14.30 17.23 -6.54
C ASP A 356 13.89 18.63 -7.05
N GLY A 357 13.30 19.40 -6.16
CA GLY A 357 12.96 20.77 -6.46
C GLY A 357 11.69 21.04 -7.27
N LYS A 358 10.97 20.02 -7.71
CA LYS A 358 9.77 20.21 -8.52
C LYS A 358 8.61 19.37 -8.05
N LYS A 359 7.40 19.91 -8.27
CA LYS A 359 6.19 19.11 -8.12
C LYS A 359 5.93 18.35 -9.38
N PHE A 360 5.28 17.21 -9.23
CA PHE A 360 4.94 16.34 -10.34
C PHE A 360 4.23 17.10 -11.45
N ALA A 361 4.58 16.75 -12.68
CA ALA A 361 3.86 17.23 -13.86
C ALA A 361 3.58 16.02 -14.74
N MET A 362 2.32 15.77 -15.01
CA MET A 362 1.98 14.50 -15.66
C MET A 362 2.58 14.29 -17.04
N GLN A 363 2.93 15.38 -17.72
CA GLN A 363 3.51 15.31 -19.06
C GLN A 363 5.01 15.27 -19.08
N ARG A 364 5.67 15.61 -17.97
CA ARG A 364 7.12 15.70 -17.93
C ARG A 364 7.81 14.42 -17.42
N ILE A 365 8.66 13.83 -18.27
CA ILE A 365 9.56 12.75 -17.82
C ILE A 365 10.74 13.32 -17.00
N ASP A 366 10.93 12.88 -15.75
CA ASP A 366 11.98 13.39 -14.83
C ASP A 366 13.30 12.63 -14.81
N ALA A 367 13.30 11.40 -15.30
CA ALA A 367 14.48 10.55 -15.22
C ALA A 367 14.38 9.46 -16.23
N THR A 368 15.52 8.84 -16.53
CA THR A 368 15.55 7.67 -17.40
C THR A 368 16.48 6.62 -16.81
N GLN A 369 16.16 5.37 -17.12
CA GLN A 369 17.04 4.28 -16.75
C GLN A 369 16.83 3.17 -17.74
N PRO A 370 17.95 2.57 -18.19
CA PRO A 370 17.81 1.43 -19.03
C PRO A 370 17.38 0.18 -18.21
N ILE A 371 16.59 -0.66 -18.87
CA ILE A 371 16.08 -1.91 -18.35
C ILE A 371 17.19 -2.95 -18.17
N GLY A 372 17.01 -3.84 -17.19
CA GLY A 372 17.90 -4.93 -16.96
C GLY A 372 19.18 -4.47 -16.27
N LYS A 373 19.27 -3.21 -15.85
CA LYS A 373 20.52 -2.71 -15.29
C LYS A 373 20.28 -2.15 -13.91
N ALA A 374 20.78 -2.83 -12.88
CA ALA A 374 20.58 -2.35 -11.55
C ALA A 374 21.43 -1.12 -11.29
N GLN A 375 20.90 -0.16 -10.55
CA GLN A 375 21.55 1.07 -10.14
C GLN A 375 21.35 1.37 -8.67
N TYR A 376 22.38 1.92 -8.02
CA TYR A 376 22.21 2.46 -6.65
C TYR A 376 21.36 3.74 -6.69
N TRP A 377 20.32 3.81 -5.86
CA TRP A 377 19.51 4.99 -5.72
C TRP A 377 19.73 5.47 -4.29
N ASP A 378 20.30 6.67 -4.13
CA ASP A 378 20.35 7.36 -2.81
C ASP A 378 19.08 8.18 -2.66
N VAL A 379 18.27 7.91 -1.66
CA VAL A 379 16.96 8.59 -1.52
C VAL A 379 17.03 9.34 -0.22
N THR A 380 16.84 10.66 -0.27
CA THR A 380 17.04 11.51 0.88
C THR A 380 15.72 12.17 1.27
N ASN A 381 15.47 12.24 2.58
CA ASN A 381 14.47 13.13 3.14
C ASN A 381 15.21 14.32 3.80
N SER A 382 15.12 15.46 3.11
CA SER A 382 15.64 16.78 3.53
C SER A 382 15.07 17.39 4.78
N ASN A 383 13.94 16.93 5.25
CA ASN A 383 13.30 17.60 6.34
C ASN A 383 14.29 17.72 7.46
N ASP A 384 14.17 18.80 8.17
CA ASP A 384 14.96 19.11 9.33
C ASP A 384 14.20 18.56 10.52
N ALA A 385 14.87 18.65 11.65
CA ALA A 385 14.27 19.16 12.92
C ALA A 385 13.72 17.96 13.53
N PRO A 386 12.49 18.01 14.08
CA PRO A 386 11.83 16.70 14.21
C PRO A 386 11.15 16.18 12.91
N GLY A 387 10.54 17.04 12.11
CA GLY A 387 9.98 16.65 10.79
C GLY A 387 9.03 15.44 10.70
N MET A 388 9.09 14.73 9.59
CA MET A 388 8.28 13.52 9.46
C MET A 388 8.92 12.43 8.62
N VAL A 389 8.38 11.22 8.74
CA VAL A 389 8.85 10.09 7.91
C VAL A 389 8.02 10.08 6.63
N HIS A 390 8.71 10.10 5.50
CA HIS A 390 8.05 9.91 4.19
C HIS A 390 8.32 8.49 3.64
N PRO A 391 7.25 7.75 3.35
CA PRO A 391 7.41 6.44 2.80
C PRO A 391 7.53 6.57 1.30
N PHE A 392 8.72 6.24 0.80
CA PHE A 392 9.07 6.38 -0.63
C PHE A 392 8.74 5.11 -1.42
N HIS A 393 8.11 5.28 -2.57
CA HIS A 393 7.61 4.14 -3.30
C HIS A 393 7.95 4.28 -4.75
N VAL A 394 8.28 3.17 -5.37
CA VAL A 394 8.71 3.18 -6.76
C VAL A 394 7.85 2.18 -7.50
N HIS A 395 7.10 2.63 -8.51
CA HIS A 395 6.35 1.72 -9.40
C HIS A 395 7.31 0.87 -10.19
N GLY A 396 6.91 -0.37 -10.47
CA GLY A 396 7.57 -1.22 -11.46
C GLY A 396 8.80 -1.99 -10.99
N THR A 397 9.09 -2.02 -9.71
CA THR A 397 10.26 -2.74 -9.25
C THR A 397 10.01 -3.20 -7.83
N GLN A 398 10.85 -4.11 -7.37
CA GLN A 398 11.05 -4.40 -5.98
C GLN A 398 12.55 -4.18 -5.76
N PHE A 399 12.90 -3.31 -4.84
CA PHE A 399 14.29 -3.00 -4.61
C PHE A 399 14.80 -3.74 -3.41
N LEU A 400 16.10 -3.66 -3.15
CA LEU A 400 16.67 -4.09 -1.90
C LEU A 400 17.22 -2.86 -1.17
N VAL A 401 17.19 -2.92 0.14
CA VAL A 401 17.70 -1.86 0.96
C VAL A 401 19.13 -2.27 1.37
N LEU A 402 20.10 -1.41 1.09
CA LEU A 402 21.50 -1.68 1.42
C LEU A 402 21.98 -0.93 2.64
N SER A 403 21.55 0.31 2.85
CA SER A 403 22.02 1.11 3.99
C SER A 403 21.03 2.20 4.43
N ARG A 404 21.10 2.58 5.70
CA ARG A 404 20.41 3.71 6.24
C ARG A 404 21.50 4.61 6.87
N ASN A 405 21.82 5.71 6.19
CA ASN A 405 22.94 6.58 6.59
C ASN A 405 24.25 5.83 6.71
N GLY A 406 24.54 4.97 5.73
CA GLY A 406 25.77 4.16 5.75
C GLY A 406 25.80 2.94 6.69
N HIS A 407 24.83 2.83 7.61
CA HIS A 407 24.69 1.74 8.56
C HIS A 407 23.69 0.72 8.06
N ALA A 408 23.45 -0.32 8.85
CA ALA A 408 22.60 -1.42 8.42
C ALA A 408 21.15 -0.97 8.21
N PRO A 409 20.45 -1.62 7.29
CA PRO A 409 19.01 -1.42 7.24
C PRO A 409 18.35 -1.89 8.54
N TYR A 410 17.07 -1.60 8.68
CA TYR A 410 16.34 -2.08 9.85
C TYR A 410 16.28 -3.64 9.75
N PRO A 411 16.16 -4.33 10.87
CA PRO A 411 16.13 -5.78 10.85
C PRO A 411 15.13 -6.48 9.91
N ASN A 412 13.96 -5.87 9.64
CA ASN A 412 12.96 -6.41 8.70
C ASN A 412 13.03 -5.87 7.27
N GLU A 413 14.21 -5.36 6.88
CA GLU A 413 14.44 -4.82 5.54
C GLU A 413 15.51 -5.55 4.73
N HIS A 414 15.75 -6.84 4.99
CA HIS A 414 16.76 -7.54 4.24
C HIS A 414 16.17 -8.29 3.06
N GLY A 415 14.86 -8.20 2.84
CA GLY A 415 14.23 -8.82 1.67
C GLY A 415 13.89 -7.74 0.67
N PHE A 416 13.06 -8.08 -0.32
CA PHE A 416 12.60 -7.16 -1.34
C PHE A 416 11.46 -6.28 -0.85
N LYS A 417 11.52 -4.99 -1.23
CA LYS A 417 10.65 -3.91 -0.75
C LYS A 417 10.33 -2.97 -1.90
N ASP A 418 9.10 -2.42 -1.92
CA ASP A 418 8.73 -1.39 -2.90
C ASP A 418 8.48 -0.01 -2.23
N THR A 419 8.35 0.02 -0.90
CA THR A 419 8.07 1.22 -0.13
C THR A 419 8.97 1.28 1.11
N ILE A 420 9.53 2.44 1.39
CA ILE A 420 10.45 2.56 2.51
C ILE A 420 10.35 3.89 3.23
N GLY A 421 10.16 3.77 4.54
CA GLY A 421 10.06 4.93 5.37
C GLY A 421 11.41 5.59 5.51
N VAL A 422 11.52 6.87 5.16
CA VAL A 422 12.76 7.63 5.25
C VAL A 422 12.63 8.74 6.31
N ASN A 423 13.48 8.70 7.33
CA ASN A 423 13.46 9.69 8.42
C ASN A 423 14.07 11.01 7.94
N PRO A 424 13.79 12.12 8.65
CA PRO A 424 14.44 13.40 8.33
C PRO A 424 15.96 13.33 8.48
N GLY A 425 16.64 13.93 7.53
CA GLY A 425 18.10 13.89 7.47
C GLY A 425 18.70 12.64 6.85
N GLU A 426 17.89 11.63 6.56
CA GLU A 426 18.39 10.30 6.25
C GLU A 426 18.52 10.11 4.76
N THR A 427 19.52 9.31 4.41
CA THR A 427 19.70 8.84 3.07
C THR A 427 19.65 7.34 3.15
N VAL A 428 18.75 6.74 2.39
CA VAL A 428 18.70 5.31 2.30
C VAL A 428 19.30 4.99 0.94
N ARG A 429 20.11 3.93 0.83
CA ARG A 429 20.60 3.49 -0.45
C ARG A 429 19.85 2.22 -0.89
N LEU A 430 19.43 2.21 -2.13
CA LEU A 430 18.63 1.13 -2.61
C LEU A 430 19.23 0.55 -3.87
N LEU A 431 18.92 -0.69 -4.14
CA LEU A 431 19.35 -1.32 -5.35
C LEU A 431 18.12 -1.57 -6.24
N VAL A 432 18.05 -0.82 -7.32
CA VAL A 432 16.84 -0.69 -8.11
C VAL A 432 17.11 -1.13 -9.54
N ARG A 433 16.33 -2.11 -10.00
CA ARG A 433 16.40 -2.64 -11.36
C ARG A 433 14.98 -2.77 -11.90
N PHE A 434 14.77 -2.33 -13.14
CA PHE A 434 13.48 -2.34 -13.82
C PHE A 434 13.62 -3.32 -14.94
N ASP A 435 12.82 -4.37 -14.92
CA ASP A 435 12.96 -5.42 -15.93
C ASP A 435 12.25 -5.08 -17.20
N LEU A 436 11.25 -4.18 -17.12
CA LEU A 436 10.38 -3.83 -18.24
C LEU A 436 10.40 -2.35 -18.65
N PRO A 437 10.30 -2.07 -19.98
CA PRO A 437 10.29 -0.67 -20.40
C PRO A 437 8.95 -0.07 -20.02
N GLY A 438 8.89 1.25 -19.94
CA GLY A 438 7.65 1.93 -19.67
C GLY A 438 7.90 3.19 -18.92
N VAL A 439 6.80 3.78 -18.47
CA VAL A 439 6.84 4.96 -17.64
C VAL A 439 6.30 4.56 -16.27
N TYR A 440 7.06 4.87 -15.22
CA TYR A 440 6.74 4.48 -13.84
C TYR A 440 6.89 5.66 -12.87
N MET A 441 5.88 5.92 -12.03
CA MET A 441 5.94 6.96 -11.01
C MET A 441 6.87 6.57 -9.85
N TYR A 442 7.50 7.56 -9.22
CA TYR A 442 8.13 7.33 -7.92
C TYR A 442 7.74 8.43 -6.99
N HIS A 443 7.39 8.11 -5.76
CA HIS A 443 6.76 9.13 -4.94
C HIS A 443 6.58 8.77 -3.51
N CYS A 444 6.30 9.80 -2.70
CA CYS A 444 5.86 9.58 -1.30
C CYS A 444 4.47 8.94 -1.27
N HIS A 445 4.27 7.90 -0.46
CA HIS A 445 2.97 7.21 -0.42
C HIS A 445 2.05 7.68 0.76
N ILE A 446 2.39 8.79 1.40
CA ILE A 446 1.39 9.60 2.10
C ILE A 446 0.56 10.20 1.00
N ILE A 447 -0.72 9.82 0.92
CA ILE A 447 -1.41 9.99 -0.33
C ILE A 447 -1.71 11.46 -0.66
N GLU A 448 -1.91 12.26 0.36
CA GLU A 448 -2.01 13.73 0.15
C GLU A 448 -0.72 14.39 -0.42
N HIS A 449 0.44 13.84 -0.05
CA HIS A 449 1.72 14.31 -0.59
C HIS A 449 1.89 13.98 -2.06
N GLU A 450 1.60 12.74 -2.39
CA GLU A 450 1.51 12.26 -3.76
C GLU A 450 0.60 13.14 -4.65
N ASP A 451 -0.65 13.32 -4.23
CA ASP A 451 -1.57 14.18 -4.95
C ASP A 451 -1.05 15.62 -4.95
N GLY A 452 -0.42 16.05 -3.87
CA GLY A 452 0.00 17.46 -3.72
C GLY A 452 1.36 17.76 -4.29
N GLY A 453 1.93 16.81 -5.04
CA GLY A 453 3.10 17.07 -5.85
C GLY A 453 4.31 16.19 -5.59
N MET A 454 4.43 15.50 -4.43
CA MET A 454 5.62 14.76 -4.11
C MET A 454 5.70 13.49 -4.92
N MET A 455 5.91 13.68 -6.21
CA MET A 455 5.86 12.62 -7.17
C MET A 455 6.67 13.05 -8.40
N ALA A 456 7.22 12.05 -9.08
CA ALA A 456 8.00 12.19 -10.27
C ALA A 456 7.87 10.90 -11.06
N GLN A 457 8.47 10.83 -12.24
CA GLN A 457 8.32 9.64 -13.04
C GLN A 457 9.55 9.40 -13.89
N ILE A 458 9.83 8.12 -14.08
CA ILE A 458 11.00 7.64 -14.82
C ILE A 458 10.56 6.87 -16.08
N GLU A 459 11.28 7.08 -17.18
CA GLU A 459 11.09 6.31 -18.41
C GLU A 459 12.18 5.28 -18.45
N THR A 460 11.79 4.01 -18.39
CA THR A 460 12.74 2.94 -18.53
C THR A 460 12.76 2.46 -19.98
N PHE A 461 13.94 2.09 -20.46
CA PHE A 461 14.08 1.86 -21.88
C PHE A 461 15.09 0.81 -22.24
N ASP A 462 14.85 0.22 -23.40
CA ASP A 462 15.77 -0.70 -24.07
C ASP A 462 16.80 0.10 -24.87
N PRO A 463 18.10 0.14 -24.46
CA PRO A 463 19.03 1.05 -25.18
C PRO A 463 19.32 0.61 -26.61
N ALA A 464 18.99 -0.64 -26.93
CA ALA A 464 19.05 -1.18 -28.28
C ALA A 464 17.93 -0.67 -29.21
N LYS A 465 16.99 0.14 -28.70
CA LYS A 465 15.83 0.58 -29.48
C LYS A 465 15.70 2.12 -29.51
N PRO A 466 15.00 2.65 -30.56
CA PRO A 466 14.67 4.07 -30.50
C PRO A 466 13.75 4.37 -29.29
N LYS A 467 13.74 5.64 -28.84
CA LYS A 467 12.81 6.09 -27.80
C LYS A 467 11.38 5.69 -28.20
N GLN A 468 10.56 5.35 -27.21
CA GLN A 468 9.17 4.98 -27.47
C GLN A 468 8.27 6.18 -27.22
N GLU A 469 7.11 6.18 -27.86
CA GLU A 469 6.10 7.19 -27.63
C GLU A 469 5.04 6.56 -26.71
N TYR A 470 4.68 7.28 -25.66
CA TYR A 470 3.62 6.90 -24.71
C TYR A 470 2.63 8.03 -24.77
N LYS A 471 1.36 7.72 -24.93
CA LYS A 471 0.31 8.69 -24.69
C LYS A 471 0.22 8.94 -23.16
N LEU A 472 0.69 10.11 -22.71
CA LEU A 472 0.53 10.51 -21.31
C LEU A 472 -0.74 11.31 -21.10
N MET A 473 -1.40 11.09 -19.97
CA MET A 473 -2.46 11.95 -19.50
C MET A 473 -2.05 13.42 -19.41
N ASP A 474 -2.99 14.28 -19.78
CA ASP A 474 -2.85 15.75 -19.63
C ASP A 474 -3.94 16.24 -18.71
N MET A 475 -3.69 17.38 -18.09
CA MET A 475 -4.57 17.91 -17.09
C MET A 475 -5.90 18.38 -17.69
N ASP A 476 -5.88 18.82 -18.96
CA ASP A 476 -7.09 19.29 -19.58
C ASP A 476 -8.03 18.12 -19.83
N THR A 477 -7.50 17.03 -20.36
CA THR A 477 -8.27 15.79 -20.54
C THR A 477 -8.95 15.34 -19.24
N LEU A 478 -8.22 15.45 -18.13
CA LEU A 478 -8.70 14.95 -16.85
C LEU A 478 -9.84 15.79 -16.35
N MET A 479 -9.66 17.11 -16.43
CA MET A 479 -10.66 18.03 -15.93
C MET A 479 -11.87 18.18 -16.82
N MET A 480 -11.74 18.02 -18.14
CA MET A 480 -12.93 17.99 -19.04
C MET A 480 -13.75 16.76 -18.65
N ALA A 481 -13.06 15.63 -18.44
CA ALA A 481 -13.71 14.34 -18.21
C ALA A 481 -14.43 14.30 -16.86
N LEU A 482 -13.72 14.72 -15.81
CA LEU A 482 -14.30 14.85 -14.48
C LEU A 482 -15.43 15.88 -14.48
N ALA A 483 -15.33 16.92 -15.32
CA ALA A 483 -16.38 17.97 -15.41
C ALA A 483 -17.69 17.42 -15.99
N LYS A 484 -17.59 16.77 -17.13
CA LYS A 484 -18.66 16.00 -17.71
C LYS A 484 -19.27 15.00 -16.73
N GLU A 485 -18.40 14.27 -16.02
CA GLU A 485 -18.85 13.19 -15.11
C GLU A 485 -19.54 13.73 -13.85
N ARG A 486 -19.14 14.91 -13.40
CA ARG A 486 -19.76 15.49 -12.23
C ARG A 486 -20.93 16.43 -12.60
N GLY A 487 -21.07 16.80 -13.90
CA GLY A 487 -22.02 17.83 -14.32
C GLY A 487 -21.68 19.23 -13.80
N VAL A 488 -20.44 19.67 -14.02
CA VAL A 488 -19.97 21.01 -13.61
C VAL A 488 -19.04 21.62 -14.69
N LYS A 489 -18.65 22.87 -14.48
CA LYS A 489 -17.72 23.58 -15.37
C LYS A 489 -16.27 23.28 -14.93
N PRO A 490 -15.36 23.04 -15.89
CA PRO A 490 -13.97 22.72 -15.47
C PRO A 490 -13.41 23.61 -14.36
N SER A 491 -13.81 24.88 -14.35
CA SER A 491 -13.36 25.86 -13.34
C SER A 491 -13.92 25.70 -11.91
N GLU A 492 -14.91 24.83 -11.69
CA GLU A 492 -15.45 24.57 -10.33
C GLU A 492 -15.07 23.18 -9.73
N ILE A 493 -14.55 22.30 -10.60
CA ILE A 493 -14.01 21.01 -10.21
C ILE A 493 -13.03 21.15 -9.03
N TRP A 494 -13.23 20.34 -8.01
CA TRP A 494 -12.32 20.26 -6.87
C TRP A 494 -11.67 18.88 -6.83
N MET A 495 -10.35 18.84 -6.58
CA MET A 495 -9.61 17.58 -6.47
C MET A 495 -8.58 17.71 -5.35
N GLY A 496 -8.46 16.64 -4.55
CA GLY A 496 -7.45 16.57 -3.53
C GLY A 496 -6.08 16.70 -4.18
N GLY A 497 -5.27 17.65 -3.66
CA GLY A 497 -4.02 18.00 -4.34
C GLY A 497 -3.95 19.38 -4.96
N MET A 498 -5.06 19.84 -5.53
CA MET A 498 -5.14 21.15 -6.16
C MET A 498 -4.69 22.24 -5.23
N GLN A 499 -5.08 22.19 -3.97
CA GLN A 499 -4.79 23.27 -3.07
C GLN A 499 -3.27 23.42 -2.87
N SER A 500 -2.55 22.30 -2.84
CA SER A 500 -1.11 22.38 -2.69
C SER A 500 -0.48 23.06 -3.92
N TYR A 501 -0.84 22.62 -5.12
CA TYR A 501 -0.41 23.27 -6.36
C TYR A 501 -0.74 24.80 -6.45
N GLU A 502 -2.03 25.15 -6.28
CA GLU A 502 -2.52 26.57 -6.21
C GLU A 502 -1.77 27.51 -5.27
N LYS A 503 -1.59 27.08 -4.04
CA LYS A 503 -0.96 27.88 -2.99
C LYS A 503 0.54 28.15 -3.26
N MET A 504 1.27 27.20 -3.85
CA MET A 504 2.67 27.45 -4.23
C MET A 504 2.78 28.09 -5.66
N GLY A 505 1.65 28.43 -6.25
CA GLY A 505 1.63 29.10 -7.56
C GLY A 505 2.06 28.21 -8.70
N MET A 506 1.78 26.92 -8.60
CA MET A 506 2.34 25.93 -9.52
C MET A 506 1.23 25.30 -10.33
N LYS A 507 1.56 24.93 -11.56
CA LYS A 507 0.56 24.46 -12.54
C LYS A 507 0.48 22.97 -12.42
N MET A 508 -0.72 22.47 -12.22
CA MET A 508 -0.94 21.03 -12.15
C MET A 508 -0.93 20.44 -13.58
CU2 C2O B . 0.31 2.24 -3.83
CU3 C2O B . 1.89 5.13 -6.93
O1 C2O B . 0.95 3.94 -5.25
CU CU C . 2.71 1.62 -6.75
CU CU D . 5.66 12.62 2.06
CL CL E . -16.19 18.89 -7.83
CL CL F . -23.82 -1.61 12.87
#